data_2GWW
#
_entry.id   2GWW
#
_cell.length_a   151.310
_cell.length_b   151.310
_cell.length_c   151.310
_cell.angle_alpha   90.00
_cell.angle_beta   90.00
_cell.angle_gamma   90.00
#
_symmetry.space_group_name_H-M   'I 41 3 2'
#
loop_
_entity.id
_entity.type
_entity.pdbx_description
1 polymer vinculin
2 polymer IpaA
3 water water
#
loop_
_entity_poly.entity_id
_entity_poly.type
_entity_poly.pdbx_seq_one_letter_code
_entity_poly.pdbx_strand_id
1 'polypeptide(L)'
;MEHHHHHHMPVFHTRTIESILEPVAQQISHLVIMHEEGEVDGKAIPDLTAPVAAVQAAVSNLVRVGKETVQTTEDQILKR
DMPPAFIKVENACTKLVQAAQMLQSDPYSVPARDYLIDGSRGILSGTSDLLLTFDEAEVRKIIRVCKGILEYLTVAEVVE
TMEDLVTYTKNLGPGMTKMAKMIDERQQELTHQEHRVMLVNSMNTVKELLPVLISAMKIFVTTKNSKNQGIEEALKNRNF
TVEKMSAEINEIIRVLQLTSWDEDAW
;
A
2 'polypeptide(L)' NNDITAENNNIYKAAKDVTTSLSKVLKNIN B
#
# COMPACT_ATOMS: atom_id res chain seq x y z
N HIS A 8 -8.00 -13.64 12.52
CA HIS A 8 -7.40 -14.61 11.62
C HIS A 8 -7.69 -14.26 10.16
N MET A 9 -6.83 -14.72 9.26
CA MET A 9 -7.01 -14.43 7.84
C MET A 9 -7.10 -12.93 7.64
N PRO A 10 -5.96 -12.25 7.68
CA PRO A 10 -5.89 -10.80 7.53
C PRO A 10 -6.23 -10.33 6.15
N VAL A 11 -6.23 -9.00 6.01
CA VAL A 11 -6.48 -8.39 4.74
C VAL A 11 -5.13 -7.93 4.19
N PHE A 12 -4.39 -8.86 3.60
CA PHE A 12 -3.13 -8.48 2.93
C PHE A 12 -3.47 -7.88 1.61
N HIS A 13 -2.95 -6.70 1.34
CA HIS A 13 -3.31 -6.00 0.10
C HIS A 13 -2.26 -6.13 -1.00
N THR A 14 -1.00 -6.10 -0.58
CA THR A 14 0.12 -6.21 -1.48
C THR A 14 0.95 -7.42 -1.09
N ARG A 15 1.72 -7.95 -2.05
CA ARG A 15 2.56 -9.12 -1.80
C ARG A 15 3.65 -8.82 -0.79
N THR A 16 4.20 -7.60 -0.86
CA THR A 16 5.25 -7.20 0.05
C THR A 16 4.86 -7.46 1.50
N ILE A 17 3.87 -6.71 1.97
CA ILE A 17 3.37 -6.84 3.34
C ILE A 17 3.11 -8.30 3.72
N GLU A 18 2.34 -8.99 2.88
CA GLU A 18 1.99 -10.38 3.12
C GLU A 18 3.21 -11.28 3.32
N SER A 19 4.21 -11.11 2.46
CA SER A 19 5.44 -11.89 2.57
C SER A 19 6.11 -11.64 3.92
N ILE A 20 5.74 -10.53 4.54
CA ILE A 20 6.32 -10.14 5.84
C ILE A 20 5.48 -10.64 7.01
N LEU A 21 4.17 -10.48 6.90
CA LEU A 21 3.26 -10.88 7.97
C LEU A 21 2.76 -12.33 7.88
N GLU A 22 2.66 -12.85 6.66
CA GLU A 22 2.17 -14.21 6.45
C GLU A 22 2.83 -15.28 7.30
N PRO A 23 4.18 -15.28 7.35
CA PRO A 23 4.93 -16.27 8.11
C PRO A 23 4.49 -16.35 9.57
N VAL A 24 4.75 -15.28 10.33
CA VAL A 24 4.39 -15.23 11.75
C VAL A 24 2.88 -15.25 11.94
N ALA A 25 2.14 -14.75 10.95
CA ALA A 25 0.69 -14.73 11.04
C ALA A 25 0.17 -16.15 11.13
N GLN A 26 0.91 -17.08 10.52
CA GLN A 26 0.55 -18.49 10.51
C GLN A 26 1.02 -19.15 11.81
N GLN A 27 2.29 -18.94 12.13
CA GLN A 27 2.87 -19.49 13.35
C GLN A 27 2.00 -19.16 14.56
N ILE A 28 1.21 -18.09 14.41
CA ILE A 28 0.31 -17.64 15.48
C ILE A 28 -1.08 -18.24 15.34
N SER A 29 -1.55 -18.35 14.10
CA SER A 29 -2.87 -18.91 13.83
C SER A 29 -2.86 -20.40 14.17
N HIS A 30 -1.74 -21.06 13.86
CA HIS A 30 -1.60 -22.49 14.15
C HIS A 30 -1.49 -22.70 15.65
N LEU A 31 -1.26 -21.61 16.38
CA LEU A 31 -1.14 -21.66 17.83
C LEU A 31 -2.45 -21.31 18.53
N VAL A 32 -3.19 -20.36 17.96
CA VAL A 32 -4.48 -19.96 18.52
C VAL A 32 -5.40 -21.17 18.57
N ILE A 33 -5.28 -22.04 17.57
CA ILE A 33 -6.07 -23.26 17.50
C ILE A 33 -5.64 -24.20 18.63
N MET A 34 -4.43 -23.96 19.12
CA MET A 34 -3.86 -24.76 20.20
C MET A 34 -4.11 -24.10 21.55
N HIS A 35 -5.36 -23.73 21.79
CA HIS A 35 -5.75 -23.09 23.04
C HIS A 35 -7.18 -23.44 23.40
N GLU A 36 -8.13 -22.82 22.70
CA GLU A 36 -9.54 -23.09 22.93
C GLU A 36 -9.81 -24.59 22.84
N GLU A 37 -9.08 -25.26 21.95
CA GLU A 37 -9.22 -26.70 21.78
C GLU A 37 -7.86 -27.39 21.85
N GLY A 38 -7.28 -27.43 23.04
CA GLY A 38 -6.00 -28.06 23.26
C GLY A 38 -5.28 -27.50 24.47
N GLU A 39 -5.26 -26.18 24.57
CA GLU A 39 -4.59 -25.50 25.68
C GLU A 39 -3.16 -25.99 25.85
N VAL A 40 -2.36 -25.83 24.80
CA VAL A 40 -0.96 -26.26 24.83
C VAL A 40 -0.23 -25.75 26.07
N ASP A 41 0.14 -26.69 26.94
CA ASP A 41 0.85 -26.36 28.17
C ASP A 41 1.58 -27.56 28.73
N GLY A 42 2.90 -27.46 28.84
CA GLY A 42 3.72 -28.54 29.33
C GLY A 42 5.19 -28.30 29.12
N LYS A 43 5.65 -28.50 27.89
CA LYS A 43 7.06 -28.33 27.53
C LYS A 43 7.68 -27.07 28.12
N ALA A 44 8.78 -27.23 28.85
CA ALA A 44 9.47 -26.11 29.46
C ALA A 44 10.12 -25.26 28.39
N ILE A 45 10.03 -23.94 28.53
CA ILE A 45 10.60 -23.02 27.56
C ILE A 45 11.92 -22.44 28.04
N PRO A 46 12.99 -22.65 27.28
CA PRO A 46 14.32 -22.14 27.63
C PRO A 46 14.30 -20.62 27.65
N ASP A 47 15.18 -20.03 28.45
CA ASP A 47 15.26 -18.57 28.54
C ASP A 47 15.33 -17.92 27.17
N LEU A 48 14.43 -16.97 26.92
CA LEU A 48 14.39 -16.27 25.65
C LEU A 48 15.04 -14.89 25.80
N THR A 49 15.81 -14.73 26.86
CA THR A 49 16.51 -13.47 27.13
C THR A 49 17.24 -13.01 25.89
N ALA A 50 17.61 -13.96 25.04
CA ALA A 50 18.32 -13.65 23.80
C ALA A 50 17.36 -13.40 22.66
N PRO A 51 16.65 -14.46 22.23
CA PRO A 51 15.70 -14.36 21.12
C PRO A 51 14.78 -13.15 21.25
N VAL A 52 14.22 -12.95 22.44
CA VAL A 52 13.33 -11.80 22.67
C VAL A 52 14.09 -10.51 22.41
N ALA A 53 15.35 -10.48 22.82
CA ALA A 53 16.19 -9.31 22.62
C ALA A 53 16.24 -8.98 21.13
N ALA A 54 16.31 -10.03 20.32
CA ALA A 54 16.34 -9.89 18.87
C ALA A 54 15.15 -9.06 18.40
N VAL A 55 13.96 -9.39 18.90
CA VAL A 55 12.74 -8.67 18.53
C VAL A 55 12.71 -7.26 19.12
N GLN A 56 13.03 -7.15 20.40
CA GLN A 56 13.05 -5.86 21.08
C GLN A 56 13.87 -4.85 20.27
N ALA A 57 15.05 -5.28 19.83
CA ALA A 57 15.94 -4.43 19.05
C ALA A 57 15.34 -4.05 17.70
N ALA A 58 14.77 -5.03 17.01
CA ALA A 58 14.15 -4.77 15.71
C ALA A 58 12.94 -3.86 15.86
N VAL A 59 12.20 -4.03 16.96
CA VAL A 59 11.03 -3.21 17.23
C VAL A 59 11.44 -1.75 17.43
N SER A 60 12.51 -1.53 18.16
CA SER A 60 13.00 -0.18 18.38
C SER A 60 13.39 0.44 17.03
N ASN A 61 14.09 -0.34 16.21
CA ASN A 61 14.52 0.11 14.90
C ASN A 61 13.31 0.48 14.06
N LEU A 62 12.30 -0.37 14.09
CA LEU A 62 11.07 -0.14 13.35
C LEU A 62 10.46 1.18 13.79
N VAL A 63 10.25 1.31 15.10
CA VAL A 63 9.68 2.53 15.65
C VAL A 63 10.47 3.76 15.21
N ARG A 64 11.79 3.64 15.21
CA ARG A 64 12.65 4.75 14.83
C ARG A 64 12.35 5.19 13.41
N VAL A 65 12.43 4.25 12.48
CA VAL A 65 12.15 4.51 11.07
C VAL A 65 10.80 5.17 10.87
N GLY A 66 9.80 4.69 11.63
CA GLY A 66 8.46 5.23 11.55
C GLY A 66 8.41 6.68 11.99
N LYS A 67 9.16 6.99 13.04
CA LYS A 67 9.22 8.35 13.56
C LYS A 67 9.87 9.24 12.52
N GLU A 68 10.80 8.67 11.77
CA GLU A 68 11.49 9.40 10.72
C GLU A 68 10.55 9.55 9.53
N THR A 69 9.84 8.48 9.21
CA THR A 69 8.89 8.48 8.11
C THR A 69 7.84 9.56 8.29
N VAL A 70 7.54 9.87 9.55
CA VAL A 70 6.54 10.89 9.88
C VAL A 70 7.08 12.27 9.55
N GLN A 71 8.32 12.51 9.97
CA GLN A 71 8.97 13.80 9.74
C GLN A 71 9.10 14.08 8.24
N THR A 72 9.54 13.07 7.49
CA THR A 72 9.72 13.20 6.05
C THR A 72 8.39 13.34 5.31
N THR A 73 7.47 12.42 5.57
CA THR A 73 6.16 12.41 4.92
C THR A 73 5.49 13.78 4.88
N GLU A 74 4.49 13.91 4.00
CA GLU A 74 3.73 15.13 3.88
C GLU A 74 2.26 14.81 4.10
N ASP A 75 1.92 13.53 3.96
CA ASP A 75 0.55 13.08 4.16
C ASP A 75 0.13 13.30 5.62
N GLN A 76 -0.99 13.98 5.80
CA GLN A 76 -1.49 14.29 7.14
C GLN A 76 -2.08 13.08 7.86
N ILE A 77 -2.64 12.15 7.09
CA ILE A 77 -3.24 10.94 7.65
C ILE A 77 -2.15 10.07 8.27
N LEU A 78 -0.99 10.05 7.63
CA LEU A 78 0.13 9.25 8.10
C LEU A 78 0.68 9.79 9.41
N LYS A 79 0.76 11.12 9.50
CA LYS A 79 1.26 11.78 10.69
C LYS A 79 0.33 11.57 11.87
N ARG A 80 -0.89 11.12 11.59
CA ARG A 80 -1.89 10.93 12.64
C ARG A 80 -2.24 9.46 12.87
N ASP A 81 -1.90 8.60 11.90
CA ASP A 81 -2.22 7.18 12.01
C ASP A 81 -1.06 6.33 12.50
N MET A 82 0.15 6.72 12.13
CA MET A 82 1.34 5.95 12.50
C MET A 82 1.71 6.00 13.98
N PRO A 83 1.71 7.21 14.56
CA PRO A 83 2.06 7.39 15.96
C PRO A 83 1.38 6.40 16.90
N PRO A 84 0.08 6.17 16.70
CA PRO A 84 -0.67 5.22 17.53
C PRO A 84 -0.11 3.81 17.37
N ALA A 85 0.31 3.48 16.16
CA ALA A 85 0.86 2.17 15.86
C ALA A 85 2.17 1.92 16.61
N PHE A 86 3.00 2.96 16.71
CA PHE A 86 4.28 2.84 17.40
C PHE A 86 4.07 2.25 18.80
N ILE A 87 3.16 2.87 19.55
CA ILE A 87 2.84 2.43 20.89
C ILE A 87 2.42 0.96 20.90
N LYS A 88 1.44 0.63 20.08
CA LYS A 88 0.94 -0.74 19.99
C LYS A 88 2.05 -1.78 19.87
N VAL A 89 3.01 -1.54 18.98
CA VAL A 89 4.13 -2.46 18.80
C VAL A 89 5.09 -2.41 19.98
N GLU A 90 5.22 -1.24 20.57
CA GLU A 90 6.11 -1.04 21.70
C GLU A 90 5.50 -1.64 22.97
N ASN A 91 4.19 -1.48 23.12
CA ASN A 91 3.47 -2.00 24.28
C ASN A 91 3.46 -3.52 24.29
N ALA A 92 3.03 -4.11 23.17
CA ALA A 92 2.97 -5.56 23.06
C ALA A 92 4.36 -6.18 23.22
N CYS A 93 5.39 -5.38 22.95
CA CYS A 93 6.75 -5.84 23.07
C CYS A 93 7.23 -5.89 24.52
N THR A 94 6.80 -4.93 25.33
CA THR A 94 7.16 -4.94 26.74
C THR A 94 6.56 -6.19 27.35
N LYS A 95 5.40 -6.58 26.83
CA LYS A 95 4.70 -7.77 27.29
C LYS A 95 5.51 -9.02 26.98
N LEU A 96 5.98 -9.11 25.74
CA LEU A 96 6.79 -10.24 25.28
C LEU A 96 8.08 -10.35 26.10
N VAL A 97 8.73 -9.22 26.31
CA VAL A 97 9.97 -9.17 27.07
C VAL A 97 9.75 -9.67 28.50
N GLN A 98 8.61 -9.29 29.09
CA GLN A 98 8.27 -9.70 30.45
C GLN A 98 7.99 -11.19 30.48
N ALA A 99 7.11 -11.64 29.60
CA ALA A 99 6.75 -13.05 29.51
C ALA A 99 8.00 -13.93 29.43
N ALA A 100 9.10 -13.33 28.98
CA ALA A 100 10.36 -14.05 28.85
C ALA A 100 11.00 -14.31 30.21
N GLN A 101 11.19 -13.25 30.99
CA GLN A 101 11.79 -13.35 32.31
C GLN A 101 10.94 -14.23 33.21
N MET A 102 9.64 -14.26 32.92
CA MET A 102 8.71 -15.07 33.70
C MET A 102 9.02 -16.54 33.48
N LEU A 103 9.19 -16.91 32.22
CA LEU A 103 9.52 -18.29 31.86
C LEU A 103 10.95 -18.58 32.31
N GLN A 104 11.77 -17.54 32.37
CA GLN A 104 13.16 -17.67 32.79
C GLN A 104 13.20 -18.29 34.20
N SER A 105 12.39 -17.74 35.10
CA SER A 105 12.31 -18.24 36.47
C SER A 105 11.45 -19.50 36.56
N ASP A 106 10.46 -19.60 35.67
CA ASP A 106 9.57 -20.75 35.64
C ASP A 106 9.13 -21.03 34.21
N PRO A 107 9.65 -22.13 33.65
CA PRO A 107 9.36 -22.54 32.28
C PRO A 107 8.01 -23.22 32.12
N TYR A 108 7.31 -23.43 33.23
CA TYR A 108 6.00 -24.07 33.20
C TYR A 108 4.91 -23.08 33.54
N SER A 109 5.30 -21.83 33.74
CA SER A 109 4.35 -20.76 34.06
C SER A 109 3.31 -20.64 32.95
N VAL A 110 2.05 -20.86 33.29
CA VAL A 110 0.97 -20.75 32.31
C VAL A 110 0.66 -19.30 31.99
N PRO A 111 0.64 -18.46 33.03
CA PRO A 111 0.37 -17.03 32.83
C PRO A 111 1.42 -16.39 31.94
N ALA A 112 2.67 -16.85 32.06
CA ALA A 112 3.75 -16.33 31.25
C ALA A 112 3.55 -16.74 29.80
N ARG A 113 2.83 -17.85 29.61
CA ARG A 113 2.54 -18.37 28.27
C ARG A 113 1.52 -17.46 27.58
N ASP A 114 0.64 -16.86 28.38
CA ASP A 114 -0.39 -15.97 27.86
C ASP A 114 0.23 -14.65 27.40
N TYR A 115 1.21 -14.18 28.16
CA TYR A 115 1.89 -12.92 27.84
C TYR A 115 2.60 -13.03 26.49
N LEU A 116 3.06 -14.24 26.17
CA LEU A 116 3.75 -14.48 24.90
C LEU A 116 2.80 -14.37 23.71
N ILE A 117 1.63 -14.97 23.84
CA ILE A 117 0.64 -14.94 22.77
C ILE A 117 0.09 -13.54 22.52
N ASP A 118 -0.49 -12.94 23.57
CA ASP A 118 -1.07 -11.61 23.47
C ASP A 118 -0.06 -10.58 22.96
N GLY A 119 1.19 -10.73 23.39
CA GLY A 119 2.27 -9.83 22.99
C GLY A 119 2.70 -10.05 21.56
N SER A 120 2.69 -11.30 21.12
CA SER A 120 3.08 -11.65 19.75
C SER A 120 2.03 -11.18 18.75
N ARG A 121 0.76 -11.32 19.10
CA ARG A 121 -0.33 -10.88 18.25
C ARG A 121 -0.36 -9.36 18.21
N GLY A 122 -0.03 -8.73 19.33
CA GLY A 122 -0.01 -7.29 19.42
C GLY A 122 1.05 -6.69 18.53
N ILE A 123 2.24 -7.29 18.57
CA ILE A 123 3.37 -6.85 17.75
C ILE A 123 3.04 -7.06 16.28
N LEU A 124 2.39 -8.19 15.98
CA LEU A 124 2.01 -8.51 14.61
C LEU A 124 0.94 -7.53 14.11
N SER A 125 -0.03 -7.25 14.96
CA SER A 125 -1.11 -6.32 14.60
C SER A 125 -0.61 -4.88 14.51
N GLY A 126 0.26 -4.49 15.44
CA GLY A 126 0.83 -3.18 15.45
C GLY A 126 1.64 -2.94 14.19
N THR A 127 2.32 -3.98 13.72
CA THR A 127 3.14 -3.89 12.53
C THR A 127 2.27 -3.70 11.29
N SER A 128 1.32 -4.61 11.11
CA SER A 128 0.42 -4.55 9.96
C SER A 128 -0.20 -3.16 9.82
N ASP A 129 -0.59 -2.57 10.94
CA ASP A 129 -1.20 -1.25 10.93
C ASP A 129 -0.21 -0.23 10.38
N LEU A 130 1.06 -0.38 10.76
CA LEU A 130 2.11 0.52 10.30
C LEU A 130 2.30 0.41 8.80
N LEU A 131 2.37 -0.82 8.30
CA LEU A 131 2.55 -1.06 6.87
C LEU A 131 1.33 -0.57 6.09
N LEU A 132 0.14 -0.87 6.60
CA LEU A 132 -1.09 -0.43 5.94
C LEU A 132 -1.12 1.09 5.78
N THR A 133 -0.87 1.79 6.88
CA THR A 133 -0.87 3.26 6.86
C THR A 133 0.05 3.73 5.75
N PHE A 134 1.29 3.25 5.80
CA PHE A 134 2.30 3.62 4.81
C PHE A 134 1.80 3.36 3.40
N ASP A 135 1.29 2.16 3.16
CA ASP A 135 0.81 1.81 1.84
C ASP A 135 -0.26 2.78 1.37
N GLU A 136 -1.18 3.12 2.26
CA GLU A 136 -2.27 4.02 1.94
C GLU A 136 -1.76 5.37 1.47
N ALA A 137 -0.72 5.86 2.14
CA ALA A 137 -0.12 7.14 1.76
C ALA A 137 0.46 7.02 0.36
N GLU A 138 1.18 5.94 0.13
CA GLU A 138 1.77 5.69 -1.18
C GLU A 138 0.64 5.75 -2.21
N VAL A 139 -0.38 4.92 -2.03
CA VAL A 139 -1.50 4.91 -2.97
C VAL A 139 -2.09 6.30 -3.15
N ARG A 140 -2.18 7.05 -2.06
CA ARG A 140 -2.74 8.40 -2.11
C ARG A 140 -1.94 9.29 -3.05
N LYS A 141 -0.66 8.97 -3.19
CA LYS A 141 0.21 9.72 -4.10
C LYS A 141 -0.18 9.45 -5.56
N ILE A 142 -0.57 8.20 -5.83
CA ILE A 142 -0.99 7.81 -7.18
C ILE A 142 -2.30 8.48 -7.56
N ILE A 143 -3.28 8.43 -6.66
CA ILE A 143 -4.58 9.04 -6.90
C ILE A 143 -4.42 10.48 -7.32
N ARG A 144 -3.53 11.21 -6.66
CA ARG A 144 -3.28 12.60 -6.99
C ARG A 144 -2.81 12.68 -8.44
N VAL A 145 -1.77 11.91 -8.75
CA VAL A 145 -1.24 11.86 -10.12
C VAL A 145 -2.37 11.55 -11.10
N CYS A 146 -3.23 10.60 -10.75
CA CYS A 146 -4.36 10.26 -11.61
C CYS A 146 -5.32 11.43 -11.75
N LYS A 147 -5.66 12.04 -10.62
CA LYS A 147 -6.57 13.18 -10.60
C LYS A 147 -5.99 14.30 -11.45
N GLY A 148 -4.66 14.41 -11.46
CA GLY A 148 -3.95 15.42 -12.25
C GLY A 148 -4.13 15.19 -13.74
N ILE A 149 -3.89 13.96 -14.20
CA ILE A 149 -4.05 13.63 -15.62
C ILE A 149 -5.47 13.96 -16.03
N LEU A 150 -6.42 13.56 -15.18
CA LEU A 150 -7.83 13.80 -15.42
C LEU A 150 -8.04 15.27 -15.73
N GLU A 151 -7.51 16.13 -14.86
CA GLU A 151 -7.63 17.57 -15.01
C GLU A 151 -7.07 18.06 -16.35
N TYR A 152 -5.85 17.65 -16.67
CA TYR A 152 -5.22 18.09 -17.91
C TYR A 152 -5.95 17.62 -19.16
N LEU A 153 -6.65 16.49 -19.09
CA LEU A 153 -7.42 16.02 -20.24
C LEU A 153 -8.45 17.09 -20.56
N THR A 154 -8.87 17.83 -19.54
CA THR A 154 -9.83 18.91 -19.68
C THR A 154 -9.34 20.03 -20.57
N VAL A 155 -8.04 20.30 -20.52
CA VAL A 155 -7.45 21.38 -21.31
C VAL A 155 -7.38 21.04 -22.78
N ALA A 156 -7.57 19.75 -23.09
CA ALA A 156 -7.50 19.29 -24.47
C ALA A 156 -8.45 20.03 -25.39
N GLU A 157 -9.59 20.44 -24.88
CA GLU A 157 -10.59 21.13 -25.70
C GLU A 157 -10.31 22.61 -25.88
N VAL A 158 -9.15 23.06 -25.41
CA VAL A 158 -8.78 24.45 -25.52
C VAL A 158 -7.70 24.62 -26.59
N VAL A 159 -7.09 23.50 -26.96
CA VAL A 159 -6.05 23.49 -27.98
C VAL A 159 -6.65 23.68 -29.36
N GLU A 160 -6.23 24.75 -30.05
CA GLU A 160 -6.72 25.07 -31.38
C GLU A 160 -5.60 25.29 -32.39
N THR A 161 -4.36 25.39 -31.91
CA THR A 161 -3.23 25.60 -32.80
C THR A 161 -2.15 24.55 -32.58
N MET A 162 -1.43 24.23 -33.65
CA MET A 162 -0.36 23.24 -33.57
C MET A 162 0.65 23.61 -32.50
N GLU A 163 0.81 24.91 -32.27
CA GLU A 163 1.73 25.37 -31.24
C GLU A 163 1.27 24.87 -29.88
N ASP A 164 -0.04 24.98 -29.64
CA ASP A 164 -0.64 24.51 -28.41
C ASP A 164 -0.54 22.99 -28.35
N LEU A 165 -0.97 22.33 -29.43
CA LEU A 165 -0.93 20.87 -29.50
C LEU A 165 0.44 20.31 -29.12
N VAL A 166 1.50 20.99 -29.54
CA VAL A 166 2.86 20.59 -29.21
C VAL A 166 3.06 20.71 -27.72
N THR A 167 2.64 21.85 -27.17
CA THR A 167 2.76 22.10 -25.74
C THR A 167 2.03 21.01 -24.98
N TYR A 168 0.75 20.85 -25.29
CA TYR A 168 -0.11 19.86 -24.65
C TYR A 168 0.55 18.49 -24.59
N THR A 169 1.02 18.02 -25.75
CA THR A 169 1.68 16.71 -25.84
C THR A 169 2.91 16.58 -24.96
N LYS A 170 3.71 17.64 -24.88
CA LYS A 170 4.94 17.61 -24.10
C LYS A 170 4.65 17.58 -22.59
N ASN A 171 3.47 18.04 -22.20
CA ASN A 171 3.09 18.05 -20.79
C ASN A 171 2.35 16.77 -20.40
N LEU A 172 1.40 16.36 -21.23
CA LEU A 172 0.61 15.17 -20.97
C LEU A 172 1.44 13.88 -21.03
N GLY A 173 2.23 13.75 -22.08
CA GLY A 173 3.06 12.57 -22.29
C GLY A 173 3.80 12.12 -21.07
N PRO A 174 4.64 13.01 -20.53
CA PRO A 174 5.41 12.68 -19.32
C PRO A 174 4.46 12.23 -18.22
N GLY A 175 3.39 12.99 -18.01
CA GLY A 175 2.39 12.65 -17.01
C GLY A 175 1.81 11.27 -17.26
N MET A 176 1.32 11.06 -18.47
CA MET A 176 0.75 9.77 -18.82
C MET A 176 1.72 8.61 -18.54
N THR A 177 3.01 8.91 -18.56
CA THR A 177 4.04 7.91 -18.31
C THR A 177 4.18 7.64 -16.82
N LYS A 178 4.23 8.70 -16.01
CA LYS A 178 4.35 8.53 -14.58
C LYS A 178 3.20 7.70 -14.03
N MET A 179 1.97 8.03 -14.43
CA MET A 179 0.79 7.29 -14.01
C MET A 179 0.90 5.83 -14.44
N ALA A 180 1.21 5.62 -15.71
CA ALA A 180 1.37 4.27 -16.24
C ALA A 180 2.38 3.48 -15.41
N LYS A 181 3.51 4.13 -15.09
CA LYS A 181 4.55 3.51 -14.28
C LYS A 181 4.00 3.13 -12.91
N MET A 182 3.34 4.08 -12.28
CA MET A 182 2.76 3.88 -10.95
C MET A 182 1.69 2.80 -10.94
N ILE A 183 0.87 2.80 -11.98
CA ILE A 183 -0.20 1.80 -12.09
C ILE A 183 0.39 0.42 -12.31
N ASP A 184 1.36 0.32 -13.22
CA ASP A 184 1.97 -0.98 -13.48
C ASP A 184 2.66 -1.51 -12.24
N GLU A 185 3.38 -0.64 -11.54
CA GLU A 185 4.09 -1.04 -10.35
C GLU A 185 3.14 -1.32 -9.21
N ARG A 186 1.87 -0.95 -9.39
CA ARG A 186 0.84 -1.18 -8.39
C ARG A 186 0.18 -2.54 -8.58
N GLN A 187 -0.41 -2.77 -9.75
CA GLN A 187 -1.07 -4.03 -10.03
C GLN A 187 -0.15 -5.22 -9.76
N GLN A 188 1.15 -5.01 -9.97
CA GLN A 188 2.14 -6.06 -9.77
C GLN A 188 2.30 -6.45 -8.29
N GLU A 189 1.75 -5.65 -7.39
CA GLU A 189 1.84 -5.93 -5.96
C GLU A 189 0.50 -6.42 -5.42
N LEU A 190 -0.57 -5.97 -6.05
CA LEU A 190 -1.92 -6.37 -5.63
C LEU A 190 -2.05 -7.88 -5.48
N THR A 191 -2.80 -8.30 -4.47
CA THR A 191 -3.02 -9.72 -4.21
C THR A 191 -4.38 -10.18 -4.72
N HIS A 192 -5.34 -9.26 -4.77
CA HIS A 192 -6.69 -9.59 -5.22
C HIS A 192 -6.76 -9.51 -6.73
N GLN A 193 -6.55 -10.65 -7.39
CA GLN A 193 -6.57 -10.73 -8.85
C GLN A 193 -7.74 -10.00 -9.49
N GLU A 194 -8.77 -9.76 -8.68
CA GLU A 194 -9.96 -9.08 -9.17
C GLU A 194 -9.67 -7.61 -9.47
N HIS A 195 -9.04 -6.94 -8.53
CA HIS A 195 -8.68 -5.54 -8.68
C HIS A 195 -7.57 -5.33 -9.72
N ARG A 196 -6.67 -6.29 -9.84
CA ARG A 196 -5.57 -6.22 -10.78
C ARG A 196 -6.02 -6.18 -12.23
N VAL A 197 -7.06 -6.95 -12.55
CA VAL A 197 -7.61 -7.00 -13.91
C VAL A 197 -8.16 -5.66 -14.33
N MET A 198 -8.93 -5.03 -13.44
CA MET A 198 -9.52 -3.72 -13.71
C MET A 198 -8.44 -2.68 -13.97
N LEU A 199 -7.40 -2.70 -13.14
CA LEU A 199 -6.29 -1.76 -13.27
C LEU A 199 -5.57 -1.92 -14.61
N VAL A 200 -5.19 -3.15 -14.92
CA VAL A 200 -4.47 -3.45 -16.16
C VAL A 200 -5.25 -3.04 -17.39
N ASN A 201 -6.50 -3.49 -17.47
CA ASN A 201 -7.35 -3.17 -18.60
C ASN A 201 -7.54 -1.66 -18.74
N SER A 202 -7.83 -1.02 -17.62
CA SER A 202 -8.04 0.42 -17.63
C SER A 202 -6.81 1.16 -18.15
N MET A 203 -5.67 0.93 -17.49
CA MET A 203 -4.42 1.55 -17.87
C MET A 203 -4.10 1.33 -19.35
N ASN A 204 -4.21 0.08 -19.80
CA ASN A 204 -3.94 -0.24 -21.18
C ASN A 204 -4.84 0.56 -22.10
N THR A 205 -6.14 0.51 -21.85
CA THR A 205 -7.11 1.27 -22.65
C THR A 205 -6.70 2.72 -22.72
N VAL A 206 -6.24 3.25 -21.60
CA VAL A 206 -5.84 4.66 -21.55
C VAL A 206 -4.58 4.89 -22.38
N LYS A 207 -3.63 3.97 -22.30
CA LYS A 207 -2.41 4.07 -23.09
C LYS A 207 -2.72 3.99 -24.58
N GLU A 208 -3.71 3.17 -24.94
CA GLU A 208 -4.11 3.01 -26.33
C GLU A 208 -4.86 4.21 -26.89
N LEU A 209 -5.46 5.00 -26.01
CA LEU A 209 -6.25 6.16 -26.41
C LEU A 209 -5.45 7.46 -26.55
N LEU A 210 -4.35 7.55 -25.81
CA LEU A 210 -3.51 8.75 -25.84
C LEU A 210 -3.18 9.15 -27.27
N PRO A 211 -2.45 8.28 -27.98
CA PRO A 211 -2.07 8.54 -29.37
C PRO A 211 -3.31 8.89 -30.17
N VAL A 212 -4.41 8.22 -29.85
CA VAL A 212 -5.68 8.47 -30.52
C VAL A 212 -6.18 9.87 -30.22
N LEU A 213 -6.00 10.29 -28.97
CA LEU A 213 -6.41 11.64 -28.56
C LEU A 213 -5.65 12.68 -29.37
N ILE A 214 -4.32 12.56 -29.33
CA ILE A 214 -3.44 13.49 -30.04
C ILE A 214 -3.86 13.64 -31.49
N SER A 215 -3.96 12.51 -32.19
CA SER A 215 -4.34 12.51 -33.59
C SER A 215 -5.63 13.30 -33.79
N ALA A 216 -6.62 13.02 -32.96
CA ALA A 216 -7.91 13.70 -33.04
C ALA A 216 -7.71 15.21 -32.92
N MET A 217 -6.89 15.61 -31.94
CA MET A 217 -6.61 17.01 -31.73
C MET A 217 -5.92 17.59 -32.95
N LYS A 218 -4.93 16.85 -33.46
CA LYS A 218 -4.17 17.27 -34.63
C LYS A 218 -5.10 17.49 -35.82
N ILE A 219 -5.93 16.50 -36.10
CA ILE A 219 -6.88 16.59 -37.19
C ILE A 219 -7.72 17.85 -37.00
N PHE A 220 -8.06 18.13 -35.75
CA PHE A 220 -8.87 19.29 -35.40
C PHE A 220 -8.17 20.61 -35.77
N VAL A 221 -6.99 20.82 -35.21
CA VAL A 221 -6.22 22.03 -35.48
C VAL A 221 -5.92 22.18 -36.97
N THR A 222 -5.96 21.07 -37.69
CA THR A 222 -5.72 21.07 -39.13
C THR A 222 -6.94 21.62 -39.84
N THR A 223 -8.11 21.09 -39.47
CA THR A 223 -9.38 21.52 -40.04
C THR A 223 -9.66 22.97 -39.71
N LYS A 224 -9.20 23.39 -38.54
CA LYS A 224 -9.39 24.77 -38.08
C LYS A 224 -8.95 25.76 -39.14
N ASN A 225 -7.65 25.96 -39.25
CA ASN A 225 -7.09 26.89 -40.23
C ASN A 225 -7.01 26.24 -41.61
N SER A 226 -8.17 26.00 -42.20
CA SER A 226 -8.24 25.39 -43.53
C SER A 226 -9.64 25.56 -44.12
N LYS A 227 -9.70 26.04 -45.35
CA LYS A 227 -10.96 26.25 -46.04
C LYS A 227 -11.80 24.97 -46.00
N ASN A 228 -11.13 23.84 -46.17
CA ASN A 228 -11.79 22.55 -46.14
C ASN A 228 -12.62 22.41 -44.86
N GLN A 229 -13.94 22.55 -45.01
CA GLN A 229 -14.85 22.45 -43.87
C GLN A 229 -14.76 21.06 -43.23
N GLY A 230 -15.75 20.74 -42.40
CA GLY A 230 -15.79 19.46 -41.72
C GLY A 230 -14.96 19.48 -40.45
N ILE A 231 -15.52 20.07 -39.39
CA ILE A 231 -14.82 20.19 -38.12
C ILE A 231 -15.67 19.70 -36.96
N GLU A 232 -16.95 19.49 -37.21
CA GLU A 232 -17.85 19.02 -36.16
C GLU A 232 -17.48 17.61 -35.72
N GLU A 233 -17.44 16.68 -36.67
CA GLU A 233 -17.10 15.30 -36.35
C GLU A 233 -15.73 15.20 -35.69
N ALA A 234 -14.87 16.17 -35.96
CA ALA A 234 -13.53 16.18 -35.37
C ALA A 234 -13.61 16.41 -33.86
N LEU A 235 -14.43 17.38 -33.45
CA LEU A 235 -14.60 17.69 -32.05
C LEU A 235 -15.22 16.52 -31.30
N LYS A 236 -16.12 15.81 -31.98
CA LYS A 236 -16.79 14.67 -31.39
C LYS A 236 -15.80 13.56 -31.06
N ASN A 237 -14.96 13.19 -32.03
CA ASN A 237 -13.97 12.16 -31.80
C ASN A 237 -13.04 12.56 -30.66
N ARG A 238 -12.57 13.80 -30.71
CA ARG A 238 -11.68 14.31 -29.67
C ARG A 238 -12.37 14.26 -28.31
N ASN A 239 -13.61 14.76 -28.27
CA ASN A 239 -14.38 14.80 -27.03
C ASN A 239 -14.69 13.40 -26.48
N PHE A 240 -15.03 12.49 -27.39
CA PHE A 240 -15.35 11.11 -27.00
C PHE A 240 -14.14 10.41 -26.41
N THR A 241 -12.97 10.70 -26.96
CA THR A 241 -11.73 10.10 -26.48
C THR A 241 -11.49 10.52 -25.04
N VAL A 242 -11.56 11.84 -24.82
CA VAL A 242 -11.37 12.39 -23.49
C VAL A 242 -12.36 11.73 -22.52
N GLU A 243 -13.62 11.66 -22.93
CA GLU A 243 -14.68 11.08 -22.11
C GLU A 243 -14.39 9.63 -21.75
N LYS A 244 -14.04 8.81 -22.74
CA LYS A 244 -13.74 7.41 -22.50
C LYS A 244 -12.46 7.28 -21.69
N MET A 245 -11.46 8.09 -22.03
CA MET A 245 -10.20 8.09 -21.30
C MET A 245 -10.49 8.44 -19.84
N SER A 246 -11.22 9.53 -19.65
CA SER A 246 -11.58 9.99 -18.31
C SER A 246 -12.32 8.92 -17.53
N ALA A 247 -13.22 8.21 -18.20
CA ALA A 247 -13.95 7.14 -17.56
C ALA A 247 -12.98 6.13 -16.97
N GLU A 248 -12.08 5.62 -17.81
CA GLU A 248 -11.09 4.63 -17.37
C GLU A 248 -10.24 5.12 -16.19
N ILE A 249 -9.87 6.39 -16.21
CA ILE A 249 -9.05 6.94 -15.12
C ILE A 249 -9.86 7.04 -13.83
N ASN A 250 -11.14 7.38 -13.96
CA ASN A 250 -12.01 7.46 -12.79
C ASN A 250 -12.18 6.05 -12.23
N GLU A 251 -12.20 5.07 -13.13
CA GLU A 251 -12.31 3.68 -12.73
C GLU A 251 -11.10 3.31 -11.89
N ILE A 252 -9.91 3.64 -12.38
CA ILE A 252 -8.67 3.35 -11.65
C ILE A 252 -8.63 4.00 -10.28
N ILE A 253 -8.98 5.28 -10.22
CA ILE A 253 -8.99 6.02 -8.97
C ILE A 253 -9.84 5.27 -7.96
N ARG A 254 -11.08 4.99 -8.36
CA ARG A 254 -12.02 4.27 -7.50
C ARG A 254 -11.45 2.98 -6.95
N VAL A 255 -11.00 2.09 -7.83
CA VAL A 255 -10.42 0.82 -7.43
C VAL A 255 -9.30 1.05 -6.41
N LEU A 256 -8.59 2.15 -6.56
CA LEU A 256 -7.48 2.46 -5.66
C LEU A 256 -7.96 2.93 -4.30
N GLN A 257 -9.06 3.70 -4.29
CA GLN A 257 -9.62 4.24 -3.05
C GLN A 257 -10.39 3.20 -2.25
N LEU A 258 -10.62 2.04 -2.84
CA LEU A 258 -11.36 0.99 -2.16
C LEU A 258 -10.82 0.69 -0.78
N THR A 259 -9.50 0.79 -0.62
CA THR A 259 -8.87 0.49 0.67
C THR A 259 -7.98 1.61 1.20
N SER A 260 -7.56 2.51 0.32
CA SER A 260 -6.68 3.61 0.72
C SER A 260 -7.43 4.91 0.93
N TRP A 261 -8.61 4.83 1.54
CA TRP A 261 -9.43 6.02 1.80
C TRP A 261 -9.67 6.30 3.29
N ASP A 262 -9.55 7.57 3.66
CA ASP A 262 -9.76 8.00 5.04
C ASP A 262 -10.71 9.20 5.09
N GLU A 263 -11.35 9.39 6.24
CA GLU A 263 -12.29 10.49 6.44
C GLU A 263 -11.71 11.82 5.96
N ASP A 264 -10.48 12.11 6.37
CA ASP A 264 -9.80 13.34 5.98
C ASP A 264 -8.84 13.09 4.84
N ALA A 265 -9.38 12.94 3.63
CA ALA A 265 -8.57 12.68 2.44
C ALA A 265 -8.21 13.97 1.71
N TRP A 266 -7.40 14.81 2.34
CA TRP A 266 -6.99 16.08 1.74
C TRP A 266 -5.47 16.18 1.70
N ASN B 9 10.29 0.29 1.26
CA ASN B 9 11.70 0.63 1.28
C ASN B 9 12.37 0.22 2.59
N ASN B 10 12.78 1.22 3.37
CA ASN B 10 13.45 0.98 4.64
C ASN B 10 12.43 0.56 5.70
N ILE B 11 11.17 0.87 5.45
CA ILE B 11 10.08 0.52 6.36
C ILE B 11 9.79 -0.98 6.29
N TYR B 12 9.87 -1.53 5.08
CA TYR B 12 9.62 -2.95 4.88
C TYR B 12 10.78 -3.79 5.40
N LYS B 13 11.97 -3.20 5.40
CA LYS B 13 13.15 -3.88 5.89
C LYS B 13 13.04 -4.15 7.38
N ALA B 14 12.79 -3.09 8.14
CA ALA B 14 12.64 -3.21 9.60
C ALA B 14 11.50 -4.16 9.97
N ALA B 15 10.38 -4.08 9.22
CA ALA B 15 9.22 -4.92 9.47
C ALA B 15 9.58 -6.40 9.42
N LYS B 16 10.36 -6.78 8.41
CA LYS B 16 10.77 -8.17 8.24
C LYS B 16 11.63 -8.60 9.42
N ASP B 17 12.52 -7.71 9.85
CA ASP B 17 13.39 -7.99 10.98
C ASP B 17 12.55 -8.39 12.17
N VAL B 18 11.51 -7.61 12.43
CA VAL B 18 10.58 -7.88 13.53
C VAL B 18 9.99 -9.27 13.40
N THR B 19 9.37 -9.54 12.26
CA THR B 19 8.75 -10.83 12.00
C THR B 19 9.74 -11.99 11.97
N THR B 20 10.96 -11.72 11.51
CA THR B 20 12.01 -12.75 11.44
C THR B 20 12.42 -13.19 12.82
N SER B 21 12.83 -12.22 13.64
CA SER B 21 13.27 -12.50 15.01
C SER B 21 12.14 -13.07 15.87
N LEU B 22 10.90 -12.71 15.54
CA LEU B 22 9.74 -13.20 16.27
C LEU B 22 9.34 -14.59 15.81
N SER B 23 9.78 -14.97 14.61
CA SER B 23 9.48 -16.30 14.07
C SER B 23 10.34 -17.33 14.79
N LYS B 24 11.62 -17.03 14.95
CA LYS B 24 12.55 -17.92 15.63
C LYS B 24 12.23 -18.02 17.12
N VAL B 25 11.27 -17.22 17.57
CA VAL B 25 10.86 -17.23 18.98
C VAL B 25 9.67 -18.15 19.19
N LEU B 26 8.69 -18.05 18.31
CA LEU B 26 7.49 -18.87 18.40
C LEU B 26 7.78 -20.30 17.94
N LYS B 27 8.76 -20.44 17.04
CA LYS B 27 9.13 -21.74 16.51
C LYS B 27 9.51 -22.69 17.64
N ASN B 28 10.02 -22.11 18.73
CA ASN B 28 10.44 -22.89 19.89
C ASN B 28 9.27 -23.20 20.80
N ILE B 29 8.11 -23.49 20.21
CA ILE B 29 6.90 -23.81 20.96
C ILE B 29 6.16 -24.95 20.29
N ASN B 30 6.63 -25.34 19.12
CA ASN B 30 6.01 -26.44 18.37
C ASN B 30 6.89 -27.67 18.41
#